data_6SLX
#
_entry.id   6SLX
#
_cell.length_a   82.082
_cell.length_b   111.839
_cell.length_c   62.694
_cell.angle_alpha   90.000
_cell.angle_beta   90.000
_cell.angle_gamma   90.000
#
_symmetry.space_group_name_H-M   'C 2 2 21'
#
loop_
_entity.id
_entity.type
_entity.pdbx_description
1 polymer '14-3-3 protein sigma'
2 polymer TAZpS89
3 non-polymer ~{N}-[3-(5-carbamimidoylthiophen-3-yl)phenyl]propanamide
4 water water
#
loop_
_entity_poly.entity_id
_entity_poly.type
_entity_poly.pdbx_seq_one_letter_code
_entity_poly.pdbx_strand_id
1 'polypeptide(L)'
;GAMGSMERASLIQKAKLAEQAERYEDMAAFMKGAVEKGEELSCEERNLLSVAYKNVVGGQRAAWRVLSSIEQKSNEEGSE
EKGPEVREYREKVETELQGVCDTVLGLLDSHLIKEAGDAESRVFYLKMKGDYYRYLAEVATGDDKKRIIDSARSAYQEAM
DISKKEMPPTNPIRLGLALNFSVFHYEIANSPEEAISLAKTTFDEAMADLHTLSEDSYKDSTLIMQLLRDNLTLWTADNA
GEEGGEAPQEPQS
;
A
2 'polypeptide(L)' RSH(SEP)SPASLQLGT P
#
loop_
_chem_comp.id
_chem_comp.type
_chem_comp.name
_chem_comp.formula
KM8 non-polymer ~{N}-[3-(5-carbamimidoylthiophen-3-yl)phenyl]propanamide 'C14 H15 N3 O S'
#
# COMPACT_ATOMS: atom_id res chain seq x y z
N GLY A 1 -20.72 -14.54 -4.38
CA GLY A 1 -20.09 -14.00 -3.15
C GLY A 1 -20.43 -12.53 -3.10
N ALA A 2 -21.75 -12.28 -3.08
CA ALA A 2 -22.33 -11.03 -3.52
C ALA A 2 -22.02 -10.82 -5.00
N MET A 3 -20.75 -10.90 -5.41
CA MET A 3 -20.37 -10.56 -6.78
C MET A 3 -20.16 -11.77 -7.69
N GLY A 4 -20.39 -12.98 -7.19
CA GLY A 4 -20.14 -14.17 -7.98
C GLY A 4 -21.01 -14.28 -9.21
N SER A 5 -22.17 -13.65 -9.21
CA SER A 5 -23.06 -13.73 -10.37
C SER A 5 -22.81 -12.65 -11.42
N MET A 6 -21.90 -11.69 -11.17
CA MET A 6 -21.64 -10.62 -12.14
C MET A 6 -20.42 -10.95 -13.00
N GLU A 7 -20.53 -10.64 -14.29
CA GLU A 7 -19.41 -10.82 -15.23
C GLU A 7 -18.17 -10.09 -14.76
N ARG A 8 -17.00 -10.69 -14.98
CA ARG A 8 -15.74 -10.00 -14.68
C ARG A 8 -15.68 -8.62 -15.31
N ALA A 9 -15.98 -8.53 -16.62
CA ALA A 9 -15.86 -7.25 -17.30
C ALA A 9 -16.79 -6.21 -16.69
N SER A 10 -18.00 -6.63 -16.29
CA SER A 10 -18.96 -5.72 -15.65
C SER A 10 -18.48 -5.22 -14.29
N LEU A 11 -17.87 -6.10 -13.51
CA LEU A 11 -17.25 -5.72 -12.25
C LEU A 11 -16.17 -4.67 -12.47
N ILE A 12 -15.33 -4.85 -13.49
CA ILE A 12 -14.28 -3.88 -13.78
C ILE A 12 -14.89 -2.55 -14.20
N GLN A 13 -15.89 -2.61 -15.08
CA GLN A 13 -16.56 -1.37 -15.51
C GLN A 13 -17.18 -0.64 -14.32
N LYS A 14 -17.86 -1.36 -13.44
CA LYS A 14 -18.46 -0.74 -12.26
C LYS A 14 -17.41 -0.25 -11.26
N ALA A 15 -16.26 -0.93 -11.13
CA ALA A 15 -15.18 -0.37 -10.32
C ALA A 15 -14.76 1.00 -10.85
N LYS A 16 -14.67 1.16 -12.18
CA LYS A 16 -14.26 2.44 -12.73
C LYS A 16 -15.32 3.50 -12.49
N LEU A 17 -16.59 3.11 -12.59
CA LEU A 17 -17.68 4.03 -12.29
C LEU A 17 -17.66 4.47 -10.82
N ALA A 18 -17.47 3.51 -9.91
CA ALA A 18 -17.40 3.81 -8.50
C ALA A 18 -16.29 4.78 -8.18
N GLU A 19 -15.12 4.58 -8.80
CA GLU A 19 -14.02 5.53 -8.66
C GLU A 19 -14.46 6.94 -9.06
N GLN A 20 -15.12 7.07 -10.21
CA GLN A 20 -15.57 8.40 -10.64
C GLN A 20 -16.54 9.00 -9.65
N ALA A 21 -17.36 8.18 -9.00
CA ALA A 21 -18.33 8.62 -8.02
C ALA A 21 -17.74 8.73 -6.62
N GLU A 22 -16.45 8.47 -6.44
CA GLU A 22 -15.79 8.43 -5.12
C GLU A 22 -16.52 7.51 -4.16
N ARG A 23 -16.96 6.36 -4.67
CA ARG A 23 -17.60 5.32 -3.89
C ARG A 23 -16.61 4.18 -3.71
N TYR A 24 -15.65 4.38 -2.81
CA TYR A 24 -14.50 3.47 -2.78
C TYR A 24 -14.82 2.13 -2.12
N GLU A 25 -15.74 2.08 -1.16
N GLU A 25 -15.77 2.09 -1.19
CA GLU A 25 -16.16 0.78 -0.64
CA GLU A 25 -16.15 0.80 -0.62
C GLU A 25 -16.75 -0.08 -1.76
C GLU A 25 -16.80 -0.09 -1.70
N ASP A 26 -17.63 0.51 -2.56
CA ASP A 26 -18.18 -0.20 -3.72
C ASP A 26 -17.06 -0.63 -4.66
N MET A 27 -16.15 0.30 -4.95
CA MET A 27 -15.06 0.01 -5.87
C MET A 27 -14.27 -1.20 -5.39
N ALA A 28 -14.00 -1.26 -4.07
CA ALA A 28 -13.26 -2.37 -3.50
C ALA A 28 -14.02 -3.67 -3.62
N ALA A 29 -15.32 -3.64 -3.32
CA ALA A 29 -16.14 -4.84 -3.46
C ALA A 29 -16.17 -5.33 -4.90
N PHE A 30 -16.25 -4.42 -5.87
CA PHE A 30 -16.24 -4.84 -7.27
C PHE A 30 -14.90 -5.47 -7.64
N MET A 31 -13.80 -4.87 -7.21
CA MET A 31 -12.48 -5.39 -7.54
C MET A 31 -12.18 -6.70 -6.81
N LYS A 32 -12.65 -6.85 -5.57
CA LYS A 32 -12.57 -8.14 -4.89
C LYS A 32 -13.31 -9.19 -5.71
N GLY A 33 -14.53 -8.87 -6.16
CA GLY A 33 -15.26 -9.77 -7.04
C GLY A 33 -14.47 -10.13 -8.29
N ALA A 34 -13.83 -9.14 -8.93
CA ALA A 34 -13.05 -9.42 -10.13
C ALA A 34 -11.86 -10.35 -9.82
N VAL A 35 -11.15 -10.10 -8.73
CA VAL A 35 -10.06 -11.00 -8.35
C VAL A 35 -10.55 -12.43 -8.17
N GLU A 36 -11.69 -12.59 -7.50
CA GLU A 36 -12.22 -13.92 -7.19
C GLU A 36 -12.69 -14.66 -8.44
N LYS A 37 -12.71 -14.02 -9.61
CA LYS A 37 -12.95 -14.77 -10.83
C LYS A 37 -11.79 -15.70 -11.14
N GLY A 38 -10.62 -15.45 -10.56
CA GLY A 38 -9.50 -16.37 -10.65
C GLY A 38 -8.55 -16.10 -11.78
N GLU A 39 -8.84 -15.16 -12.66
CA GLU A 39 -7.88 -14.80 -13.69
C GLU A 39 -6.88 -13.77 -13.16
N GLU A 40 -5.69 -13.77 -13.75
CA GLU A 40 -4.72 -12.75 -13.39
C GLU A 40 -5.28 -11.36 -13.73
N LEU A 41 -4.70 -10.34 -13.11
CA LEU A 41 -5.09 -8.95 -13.35
C LEU A 41 -4.11 -8.24 -14.27
N SER A 42 -4.66 -7.40 -15.12
CA SER A 42 -3.84 -6.52 -15.96
C SER A 42 -3.23 -5.41 -15.11
N CYS A 43 -2.33 -4.64 -15.73
CA CYS A 43 -1.75 -3.51 -15.02
C CYS A 43 -2.81 -2.50 -14.57
N GLU A 44 -3.74 -2.16 -15.46
CA GLU A 44 -4.82 -1.24 -15.09
C GLU A 44 -5.67 -1.81 -13.98
N GLU A 45 -5.98 -3.10 -14.04
CA GLU A 45 -6.82 -3.72 -13.01
C GLU A 45 -6.12 -3.78 -11.65
N ARG A 46 -4.81 -4.07 -11.64
CA ARG A 46 -4.06 -4.02 -10.38
C ARG A 46 -4.14 -2.64 -9.78
N ASN A 47 -4.02 -1.61 -10.60
CA ASN A 47 -4.11 -0.26 -10.06
C ASN A 47 -5.50 0.03 -9.52
N LEU A 48 -6.56 -0.48 -10.18
CA LEU A 48 -7.90 -0.26 -9.66
C LEU A 48 -8.08 -0.91 -8.29
N LEU A 49 -7.56 -2.11 -8.14
CA LEU A 49 -7.61 -2.83 -6.87
C LEU A 49 -6.93 -2.01 -5.78
N SER A 50 -5.73 -1.52 -6.08
CA SER A 50 -4.96 -0.76 -5.12
C SER A 50 -5.64 0.56 -4.78
N VAL A 51 -6.08 1.31 -5.77
CA VAL A 51 -6.80 2.57 -5.49
C VAL A 51 -7.98 2.32 -4.57
N ALA A 52 -8.75 1.28 -4.82
CA ALA A 52 -9.98 1.06 -4.08
C ALA A 52 -9.68 0.81 -2.60
N TYR A 53 -8.82 -0.18 -2.33
CA TYR A 53 -8.53 -0.53 -0.95
C TYR A 53 -7.69 0.53 -0.26
N LYS A 54 -6.83 1.25 -0.99
CA LYS A 54 -6.05 2.28 -0.34
C LYS A 54 -6.95 3.39 0.16
N ASN A 55 -7.98 3.73 -0.61
CA ASN A 55 -8.91 4.75 -0.16
C ASN A 55 -9.77 4.26 0.99
N VAL A 56 -10.22 3.01 0.95
CA VAL A 56 -11.02 2.48 2.07
C VAL A 56 -10.19 2.47 3.36
N VAL A 57 -9.03 1.82 3.34
CA VAL A 57 -8.21 1.75 4.55
C VAL A 57 -7.71 3.14 4.92
N GLY A 58 -7.56 4.05 3.94
CA GLY A 58 -7.14 5.40 4.25
C GLY A 58 -8.11 6.13 5.17
N GLY A 59 -9.40 5.99 4.91
CA GLY A 59 -10.40 6.57 5.79
C GLY A 59 -10.38 5.95 7.18
N GLN A 60 -10.22 4.63 7.26
CA GLN A 60 -10.15 3.94 8.54
C GLN A 60 -8.93 4.38 9.34
N ARG A 61 -7.78 4.50 8.68
CA ARG A 61 -6.57 4.94 9.37
C ARG A 61 -6.75 6.35 9.91
N ALA A 62 -7.32 7.23 9.10
CA ALA A 62 -7.54 8.60 9.53
C ALA A 62 -8.47 8.64 10.74
N ALA A 63 -9.56 7.86 10.69
CA ALA A 63 -10.48 7.78 11.83
C ALA A 63 -9.80 7.21 13.06
N TRP A 64 -9.04 6.11 12.87
CA TRP A 64 -8.36 5.48 13.99
C TRP A 64 -7.40 6.46 14.66
N ARG A 65 -6.72 7.29 13.88
CA ARG A 65 -5.77 8.23 14.46
C ARG A 65 -6.48 9.27 15.31
N VAL A 66 -7.58 9.83 14.81
CA VAL A 66 -8.42 10.75 15.58
C VAL A 66 -8.82 10.12 16.89
N LEU A 67 -9.36 8.89 16.85
CA LEU A 67 -9.89 8.27 18.06
C LEU A 67 -8.78 7.87 19.03
N SER A 68 -7.64 7.39 18.51
CA SER A 68 -6.52 7.05 19.37
C SER A 68 -5.99 8.27 20.10
N SER A 69 -5.94 9.41 19.42
CA SER A 69 -5.52 10.66 20.06
C SER A 69 -6.46 11.04 21.19
N ILE A 70 -7.77 10.95 20.94
CA ILE A 70 -8.73 11.24 21.99
C ILE A 70 -8.54 10.27 23.15
N GLU A 71 -8.36 9.00 22.85
CA GLU A 71 -8.19 7.99 23.89
C GLU A 71 -6.94 8.30 24.72
N GLN A 72 -5.86 8.71 24.04
CA GLN A 72 -4.63 9.01 24.75
C GLN A 72 -4.81 10.21 25.67
N LYS A 73 -5.51 11.25 25.19
CA LYS A 73 -5.80 12.40 26.05
C LYS A 73 -6.66 12.01 27.24
N SER A 74 -7.56 11.03 27.08
CA SER A 74 -8.38 10.61 28.21
C SER A 74 -7.57 9.89 29.26
N ASN A 75 -6.37 9.40 28.91
CA ASN A 75 -5.54 8.62 29.81
C ASN A 75 -4.42 9.45 30.45
N GLU A 76 -4.46 10.77 30.33
CA GLU A 76 -3.45 11.62 30.95
C GLU A 76 -3.79 11.92 32.40
N GLY A 83 -15.45 6.71 31.10
CA GLY A 83 -16.16 5.52 30.66
C GLY A 83 -15.46 4.81 29.52
N PRO A 84 -16.00 3.67 29.10
CA PRO A 84 -15.32 2.81 28.12
C PRO A 84 -15.59 3.18 26.67
N GLU A 85 -16.34 4.26 26.41
CA GLU A 85 -16.86 4.48 25.07
C GLU A 85 -15.75 4.80 24.06
N VAL A 86 -14.80 5.66 24.41
CA VAL A 86 -13.74 6.02 23.48
C VAL A 86 -12.95 4.77 23.10
N ARG A 87 -12.58 3.95 24.10
CA ARG A 87 -11.87 2.71 23.81
C ARG A 87 -12.71 1.78 22.97
N GLU A 88 -13.98 1.60 23.34
CA GLU A 88 -14.85 0.71 22.59
C GLU A 88 -14.93 1.14 21.14
N TYR A 89 -15.10 2.44 20.89
CA TYR A 89 -15.32 2.89 19.53
C TYR A 89 -14.02 2.84 18.73
N ARG A 90 -12.90 3.17 19.35
CA ARG A 90 -11.60 2.98 18.69
C ARG A 90 -11.37 1.51 18.34
N GLU A 91 -11.74 0.59 19.23
CA GLU A 91 -11.64 -0.84 18.95
C GLU A 91 -12.51 -1.26 17.78
N LYS A 92 -13.71 -0.70 17.68
CA LYS A 92 -14.61 -1.02 16.57
C LYS A 92 -13.98 -0.65 15.25
N VAL A 93 -13.53 0.59 15.14
CA VAL A 93 -12.85 1.06 13.94
C VAL A 93 -11.61 0.21 13.67
N GLU A 94 -10.80 -0.01 14.71
CA GLU A 94 -9.60 -0.85 14.56
C GLU A 94 -9.93 -2.23 14.01
N THR A 95 -10.96 -2.88 14.56
CA THR A 95 -11.37 -4.19 14.09
C THR A 95 -11.80 -4.14 12.62
N GLU A 96 -12.51 -3.09 12.21
N GLU A 96 -12.52 -3.08 12.23
CA GLU A 96 -12.93 -3.02 10.81
CA GLU A 96 -12.95 -2.95 10.83
C GLU A 96 -11.73 -2.80 9.91
C GLU A 96 -11.75 -2.78 9.91
N LEU A 97 -10.78 -1.97 10.34
CA LEU A 97 -9.53 -1.79 9.59
C LEU A 97 -8.80 -3.10 9.43
N GLN A 98 -8.64 -3.85 10.53
CA GLN A 98 -7.95 -5.13 10.46
C GLN A 98 -8.68 -6.09 9.52
N GLY A 99 -10.00 -6.02 9.45
CA GLY A 99 -10.71 -6.90 8.54
C GLY A 99 -10.44 -6.55 7.09
N VAL A 100 -10.38 -5.26 6.77
CA VAL A 100 -10.03 -4.83 5.41
C VAL A 100 -8.62 -5.28 5.07
N CYS A 101 -7.66 -5.07 5.98
CA CYS A 101 -6.30 -5.54 5.71
C CYS A 101 -6.27 -7.05 5.50
N ASP A 102 -6.98 -7.80 6.34
CA ASP A 102 -7.02 -9.26 6.20
C ASP A 102 -7.62 -9.67 4.86
N THR A 103 -8.62 -8.94 4.39
CA THR A 103 -9.25 -9.24 3.11
C THR A 103 -8.27 -9.06 1.96
N VAL A 104 -7.54 -7.94 1.98
CA VAL A 104 -6.54 -7.68 0.93
C VAL A 104 -5.43 -8.73 0.98
N LEU A 105 -4.93 -9.03 2.19
CA LEU A 105 -3.88 -10.04 2.30
C LEU A 105 -4.37 -11.40 1.85
N GLY A 106 -5.66 -11.70 2.06
CA GLY A 106 -6.21 -12.95 1.59
C GLY A 106 -6.25 -13.06 0.08
N LEU A 107 -6.57 -11.95 -0.59
CA LEU A 107 -6.60 -11.94 -2.05
C LEU A 107 -5.20 -12.12 -2.61
N LEU A 108 -4.21 -11.46 -1.99
CA LEU A 108 -2.83 -11.62 -2.43
C LEU A 108 -2.37 -13.06 -2.24
N ASP A 109 -2.76 -13.68 -1.14
CA ASP A 109 -2.33 -15.05 -0.84
C ASP A 109 -3.17 -16.10 -1.56
N SER A 110 -4.33 -15.74 -2.05
CA SER A 110 -5.27 -16.67 -2.68
C SER A 110 -5.93 -16.03 -3.89
N HIS A 111 -5.24 -15.93 -5.05
CA HIS A 111 -3.93 -16.50 -5.32
C HIS A 111 -3.10 -15.56 -6.19
N LEU A 112 -3.22 -14.25 -5.96
CA LEU A 112 -2.60 -13.28 -6.85
C LEU A 112 -1.09 -13.46 -6.90
N ILE A 113 -0.44 -13.55 -5.75
CA ILE A 113 1.02 -13.54 -5.72
C ILE A 113 1.56 -14.81 -6.38
N LYS A 114 1.00 -15.97 -6.05
CA LYS A 114 1.60 -17.19 -6.55
C LYS A 114 1.48 -17.30 -8.06
N GLU A 115 0.48 -16.65 -8.66
CA GLU A 115 0.36 -16.67 -10.11
C GLU A 115 1.10 -15.52 -10.79
N ALA A 116 1.69 -14.58 -10.05
CA ALA A 116 2.33 -13.41 -10.63
C ALA A 116 3.79 -13.74 -10.97
N GLY A 117 4.07 -13.90 -12.25
CA GLY A 117 5.40 -14.25 -12.70
C GLY A 117 6.21 -13.08 -13.23
N ASP A 118 5.55 -12.08 -13.79
CA ASP A 118 6.28 -10.93 -14.31
C ASP A 118 6.69 -9.99 -13.19
N ALA A 119 7.83 -9.34 -13.36
CA ALA A 119 8.33 -8.45 -12.32
C ALA A 119 7.33 -7.37 -11.96
N GLU A 120 6.65 -6.79 -12.95
CA GLU A 120 5.75 -5.68 -12.66
C GLU A 120 4.56 -6.14 -11.81
N SER A 121 4.02 -7.32 -12.09
CA SER A 121 2.93 -7.81 -11.24
C SER A 121 3.43 -8.30 -9.89
N ARG A 122 4.50 -9.10 -9.88
CA ARG A 122 4.97 -9.68 -8.61
C ARG A 122 5.42 -8.60 -7.63
N VAL A 123 6.16 -7.61 -8.12
CA VAL A 123 6.59 -6.53 -7.23
C VAL A 123 5.41 -5.71 -6.75
N PHE A 124 4.45 -5.41 -7.63
CA PHE A 124 3.26 -4.67 -7.22
C PHE A 124 2.54 -5.38 -6.08
N TYR A 125 2.35 -6.69 -6.22
CA TYR A 125 1.60 -7.44 -5.21
C TYR A 125 2.40 -7.57 -3.92
N LEU A 126 3.71 -7.79 -4.03
CA LEU A 126 4.51 -7.94 -2.83
C LEU A 126 4.59 -6.60 -2.08
N LYS A 127 4.68 -5.49 -2.82
CA LYS A 127 4.59 -4.17 -2.20
C LYS A 127 3.26 -4.02 -1.46
N MET A 128 2.15 -4.38 -2.12
CA MET A 128 0.85 -4.35 -1.45
C MET A 128 0.86 -5.17 -0.16
N LYS A 129 1.44 -6.36 -0.20
CA LYS A 129 1.51 -7.21 0.98
C LYS A 129 2.23 -6.49 2.12
N GLY A 130 3.37 -5.87 1.81
CA GLY A 130 4.07 -5.07 2.82
C GLY A 130 3.22 -3.92 3.34
N ASP A 131 2.55 -3.21 2.43
CA ASP A 131 1.70 -2.08 2.81
C ASP A 131 0.61 -2.50 3.79
N TYR A 132 -0.11 -3.60 3.50
CA TYR A 132 -1.23 -3.93 4.37
C TYR A 132 -0.77 -4.58 5.69
N TYR A 133 0.39 -5.26 5.73
CA TYR A 133 0.97 -5.59 7.03
C TYR A 133 1.42 -4.32 7.77
N ARG A 134 1.95 -3.33 7.05
CA ARG A 134 2.30 -2.07 7.69
C ARG A 134 1.08 -1.40 8.33
N TYR A 135 -0.05 -1.39 7.63
CA TYR A 135 -1.26 -0.82 8.23
C TYR A 135 -1.69 -1.61 9.46
N LEU A 136 -1.57 -2.94 9.42
CA LEU A 136 -1.82 -3.73 10.62
C LEU A 136 -0.85 -3.35 11.73
N ALA A 137 0.42 -3.15 11.38
CA ALA A 137 1.43 -2.81 12.39
C ALA A 137 1.12 -1.48 13.05
N GLU A 138 0.53 -0.54 12.31
CA GLU A 138 0.24 0.78 12.85
C GLU A 138 -0.68 0.71 14.07
N VAL A 139 -1.56 -0.29 14.14
CA VAL A 139 -2.52 -0.43 15.24
C VAL A 139 -2.20 -1.59 16.15
N ALA A 140 -1.12 -2.32 15.88
CA ALA A 140 -0.78 -3.51 16.63
C ALA A 140 -0.09 -3.14 17.92
N THR A 141 -0.38 -3.89 18.98
CA THR A 141 0.16 -3.55 20.30
C THR A 141 0.41 -4.75 21.19
N GLY A 142 0.00 -5.95 20.80
CA GLY A 142 0.05 -7.11 21.65
C GLY A 142 1.25 -8.00 21.36
N ASP A 143 1.04 -9.30 21.51
CA ASP A 143 2.10 -10.28 21.31
C ASP A 143 2.35 -10.58 19.83
N ASP A 144 1.66 -9.86 18.94
CA ASP A 144 1.80 -10.06 17.51
C ASP A 144 2.46 -8.89 16.79
N LYS A 145 2.69 -7.75 17.47
CA LYS A 145 3.22 -6.61 16.76
C LYS A 145 4.56 -6.92 16.10
N LYS A 146 5.43 -7.64 16.80
CA LYS A 146 6.74 -7.96 16.22
C LYS A 146 6.58 -8.86 15.01
N ARG A 147 5.68 -9.85 15.06
CA ARG A 147 5.55 -10.77 13.95
C ARG A 147 4.90 -10.07 12.76
N ILE A 148 3.96 -9.15 13.02
CA ILE A 148 3.36 -8.36 11.94
C ILE A 148 4.43 -7.51 11.26
N ILE A 149 5.27 -6.84 12.04
CA ILE A 149 6.34 -6.02 11.50
C ILE A 149 7.28 -6.87 10.65
N ASP A 150 7.60 -8.07 11.13
CA ASP A 150 8.48 -8.93 10.37
C ASP A 150 7.84 -9.36 9.05
N SER A 151 6.52 -9.55 9.05
CA SER A 151 5.83 -9.91 7.82
C SER A 151 5.88 -8.78 6.82
N ALA A 152 5.64 -7.54 7.27
CA ALA A 152 5.80 -6.41 6.36
C ALA A 152 7.22 -6.35 5.81
N ARG A 153 8.22 -6.40 6.70
N ARG A 153 8.23 -6.41 6.69
CA ARG A 153 9.61 -6.30 6.26
CA ARG A 153 9.62 -6.30 6.25
C ARG A 153 9.94 -7.36 5.21
C ARG A 153 9.94 -7.36 5.22
N SER A 154 9.51 -8.60 5.46
CA SER A 154 9.82 -9.69 4.56
C SER A 154 9.21 -9.49 3.18
N ALA A 155 7.96 -9.04 3.13
CA ALA A 155 7.29 -8.77 1.85
C ALA A 155 8.01 -7.66 1.10
N TYR A 156 8.28 -6.55 1.79
CA TYR A 156 8.99 -5.44 1.17
C TYR A 156 10.36 -5.89 0.67
N GLN A 157 11.07 -6.69 1.46
CA GLN A 157 12.43 -7.09 1.08
C GLN A 157 12.41 -7.96 -0.17
N GLU A 158 11.46 -8.90 -0.25
CA GLU A 158 11.38 -9.73 -1.46
C GLU A 158 11.06 -8.87 -2.67
N ALA A 159 10.16 -7.90 -2.50
CA ALA A 159 9.83 -6.99 -3.59
C ALA A 159 11.04 -6.17 -4.00
N MET A 160 11.81 -5.69 -3.02
CA MET A 160 13.00 -4.91 -3.35
C MET A 160 14.00 -5.75 -4.14
N ASP A 161 14.23 -6.98 -3.71
CA ASP A 161 15.21 -7.81 -4.39
C ASP A 161 14.84 -8.02 -5.87
N ILE A 162 13.56 -8.30 -6.15
CA ILE A 162 13.11 -8.47 -7.52
C ILE A 162 13.25 -7.16 -8.31
N SER A 163 12.82 -6.04 -7.70
CA SER A 163 12.80 -4.77 -8.42
C SER A 163 14.22 -4.32 -8.79
N LYS A 164 15.19 -4.60 -7.93
CA LYS A 164 16.56 -4.20 -8.25
C LYS A 164 17.13 -5.06 -9.37
N LYS A 165 16.70 -6.30 -9.47
CA LYS A 165 17.18 -7.19 -10.51
C LYS A 165 16.49 -6.95 -11.83
N GLU A 166 15.21 -6.57 -11.80
CA GLU A 166 14.35 -6.68 -12.98
C GLU A 166 13.84 -5.36 -13.51
N MET A 167 13.96 -4.27 -12.75
CA MET A 167 13.34 -3.00 -13.13
C MET A 167 14.37 -1.89 -13.11
N PRO A 168 14.19 -0.88 -13.95
CA PRO A 168 15.11 0.25 -13.93
C PRO A 168 14.85 1.10 -12.70
N PRO A 169 15.83 1.90 -12.30
CA PRO A 169 15.69 2.69 -11.06
C PRO A 169 14.59 3.71 -11.11
N THR A 170 14.12 4.08 -12.30
CA THR A 170 13.04 5.06 -12.40
C THR A 170 11.67 4.42 -12.49
N ASN A 171 11.59 3.11 -12.57
CA ASN A 171 10.29 2.46 -12.67
C ASN A 171 9.37 2.91 -11.54
N PRO A 172 8.17 3.39 -11.82
CA PRO A 172 7.32 3.94 -10.75
C PRO A 172 6.92 2.92 -9.69
N ILE A 173 6.75 1.66 -10.05
CA ILE A 173 6.49 0.64 -9.04
C ILE A 173 7.69 0.47 -8.12
N ARG A 174 8.87 0.31 -8.70
CA ARG A 174 10.11 0.26 -7.91
C ARG A 174 10.24 1.49 -7.00
N LEU A 175 9.95 2.68 -7.52
CA LEU A 175 10.07 3.90 -6.71
C LEU A 175 9.05 3.95 -5.58
N GLY A 176 7.79 3.62 -5.87
CA GLY A 176 6.77 3.60 -4.83
C GLY A 176 7.02 2.54 -3.77
N LEU A 177 7.59 1.41 -4.18
CA LEU A 177 8.01 0.38 -3.23
C LEU A 177 9.06 0.91 -2.28
N ALA A 178 10.13 1.49 -2.84
CA ALA A 178 11.21 2.00 -2.00
C ALA A 178 10.70 3.11 -1.11
N LEU A 179 9.85 3.99 -1.65
CA LEU A 179 9.23 5.01 -0.83
C LEU A 179 8.53 4.41 0.39
N ASN A 180 7.67 3.41 0.16
CA ASN A 180 6.91 2.84 1.27
C ASN A 180 7.77 2.03 2.21
N PHE A 181 8.82 1.35 1.70
CA PHE A 181 9.70 0.62 2.59
C PHE A 181 10.44 1.61 3.48
N SER A 182 10.78 2.79 2.93
CA SER A 182 11.45 3.80 3.76
C SER A 182 10.51 4.32 4.82
N VAL A 183 9.23 4.53 4.48
CA VAL A 183 8.24 4.91 5.48
C VAL A 183 8.11 3.83 6.54
N PHE A 184 8.10 2.56 6.14
CA PHE A 184 8.09 1.46 7.09
C PHE A 184 9.25 1.59 8.07
N HIS A 185 10.47 1.81 7.55
CA HIS A 185 11.63 1.94 8.41
C HIS A 185 11.45 3.10 9.41
N TYR A 186 10.97 4.24 8.92
CA TYR A 186 10.92 5.43 9.76
C TYR A 186 9.81 5.35 10.80
N GLU A 187 8.62 4.93 10.37
CA GLU A 187 7.43 5.03 11.19
C GLU A 187 7.10 3.77 11.97
N ILE A 188 7.49 2.60 11.49
CA ILE A 188 7.11 1.34 12.11
C ILE A 188 8.30 0.71 12.82
N ALA A 189 9.46 0.66 12.16
CA ALA A 189 10.57 -0.18 12.59
C ALA A 189 11.58 0.60 13.43
N ASN A 190 11.29 1.85 13.74
CA ASN A 190 12.19 2.66 14.58
C ASN A 190 13.59 2.66 13.99
N SER A 191 13.68 2.77 12.68
CA SER A 191 14.97 2.77 11.97
C SER A 191 15.06 3.99 11.07
N PRO A 192 15.09 5.19 11.64
CA PRO A 192 15.12 6.38 10.78
C PRO A 192 16.37 6.46 9.91
N GLU A 193 17.52 5.97 10.37
CA GLU A 193 18.70 6.06 9.51
C GLU A 193 18.54 5.17 8.28
N GLU A 194 18.00 3.97 8.46
CA GLU A 194 17.73 3.11 7.32
C GLU A 194 16.75 3.78 6.36
N ALA A 195 15.70 4.41 6.89
CA ALA A 195 14.73 5.14 6.08
C ALA A 195 15.38 6.23 5.24
N ILE A 196 16.22 7.05 5.87
CA ILE A 196 16.91 8.14 5.17
C ILE A 196 17.88 7.62 4.11
N SER A 197 18.66 6.59 4.46
N SER A 197 18.67 6.59 4.45
CA SER A 197 19.61 6.03 3.51
CA SER A 197 19.61 6.04 3.48
C SER A 197 18.90 5.43 2.30
C SER A 197 18.87 5.47 2.29
N LEU A 198 17.81 4.71 2.53
CA LEU A 198 17.07 4.12 1.43
C LEU A 198 16.49 5.21 0.53
N ALA A 199 15.88 6.25 1.11
CA ALA A 199 15.27 7.31 0.32
C ALA A 199 16.31 8.05 -0.51
N LYS A 200 17.46 8.36 0.09
CA LYS A 200 18.54 9.06 -0.62
C LYS A 200 19.07 8.24 -1.78
N THR A 201 19.43 6.97 -1.52
CA THR A 201 19.96 6.12 -2.57
C THR A 201 18.95 5.89 -3.69
N THR A 202 17.68 5.71 -3.33
CA THR A 202 16.62 5.55 -4.32
C THR A 202 16.52 6.80 -5.18
N PHE A 203 16.52 7.97 -4.55
CA PHE A 203 16.39 9.22 -5.28
C PHE A 203 17.56 9.44 -6.22
N ASP A 204 18.78 9.25 -5.72
CA ASP A 204 19.98 9.50 -6.50
C ASP A 204 20.10 8.52 -7.67
N GLU A 205 19.72 7.25 -7.47
CA GLU A 205 19.82 6.32 -8.59
C GLU A 205 18.75 6.59 -9.64
N ALA A 206 17.56 7.06 -9.23
CA ALA A 206 16.58 7.42 -10.24
C ALA A 206 17.02 8.67 -11.00
N MET A 207 17.53 9.66 -10.28
CA MET A 207 17.99 10.89 -10.92
C MET A 207 18.94 10.58 -12.08
N ALA A 208 19.84 9.64 -11.89
CA ALA A 208 20.84 9.31 -12.88
C ALA A 208 20.30 8.49 -14.03
N ASP A 209 19.05 8.02 -13.93
CA ASP A 209 18.40 7.26 -15.00
C ASP A 209 17.34 8.08 -15.73
N LEU A 210 17.05 9.31 -15.29
CA LEU A 210 15.96 10.07 -15.90
C LEU A 210 16.25 10.37 -17.36
N HIS A 211 17.51 10.47 -17.73
CA HIS A 211 17.87 10.85 -19.09
C HIS A 211 17.38 9.82 -20.11
N THR A 212 17.06 8.60 -19.67
CA THR A 212 16.60 7.55 -20.57
C THR A 212 15.12 7.63 -20.91
N LEU A 213 14.35 8.49 -20.23
CA LEU A 213 12.90 8.46 -20.25
C LEU A 213 12.29 9.41 -21.25
N SER A 214 11.11 9.04 -21.74
CA SER A 214 10.22 9.95 -22.45
C SER A 214 9.69 11.03 -21.51
N GLU A 215 9.08 12.06 -22.13
CA GLU A 215 8.49 13.14 -21.35
C GLU A 215 7.43 12.61 -20.37
N ASP A 216 6.58 11.69 -20.83
CA ASP A 216 5.50 11.22 -19.95
C ASP A 216 6.06 10.32 -18.84
N SER A 217 7.02 9.47 -19.16
CA SER A 217 7.65 8.63 -18.14
C SER A 217 8.43 9.47 -17.15
N TYR A 218 9.16 10.45 -17.64
CA TYR A 218 9.81 11.43 -16.76
C TYR A 218 8.83 12.03 -15.76
N LYS A 219 7.63 12.44 -16.22
CA LYS A 219 6.64 12.99 -15.29
C LYS A 219 6.24 11.96 -14.24
N ASP A 220 6.00 10.71 -14.64
CA ASP A 220 5.61 9.67 -13.68
C ASP A 220 6.69 9.48 -12.61
N SER A 221 7.95 9.34 -13.05
CA SER A 221 9.04 9.08 -12.11
C SER A 221 9.33 10.27 -11.20
N THR A 222 9.38 11.48 -11.76
CA THR A 222 9.72 12.63 -10.92
C THR A 222 8.64 12.92 -9.89
N LEU A 223 7.39 12.55 -10.18
CA LEU A 223 6.33 12.72 -9.18
C LEU A 223 6.64 11.93 -7.91
N ILE A 224 7.04 10.67 -8.06
CA ILE A 224 7.34 9.83 -6.89
C ILE A 224 8.65 10.25 -6.26
N MET A 225 9.61 10.66 -7.08
CA MET A 225 10.86 11.17 -6.54
C MET A 225 10.62 12.37 -5.63
N GLN A 226 9.66 13.22 -5.99
CA GLN A 226 9.37 14.38 -5.14
C GLN A 226 8.87 13.96 -3.77
N LEU A 227 8.10 12.85 -3.69
CA LEU A 227 7.69 12.34 -2.39
C LEU A 227 8.88 11.86 -1.55
N LEU A 228 9.87 11.21 -2.18
CA LEU A 228 11.09 10.86 -1.48
C LEU A 228 11.79 12.10 -0.95
N ARG A 229 11.90 13.13 -1.78
CA ARG A 229 12.52 14.38 -1.34
C ARG A 229 11.74 15.02 -0.19
N ASP A 230 10.41 15.06 -0.27
CA ASP A 230 9.60 15.65 0.79
C ASP A 230 9.85 14.94 2.12
N ASN A 231 9.91 13.62 2.10
CA ASN A 231 10.20 12.85 3.31
C ASN A 231 11.59 13.15 3.86
N LEU A 232 12.60 13.17 2.99
CA LEU A 232 13.94 13.53 3.43
C LEU A 232 13.94 14.90 4.10
N THR A 233 13.16 15.84 3.55
CA THR A 233 13.10 17.18 4.16
C THR A 233 12.42 17.12 5.53
N LEU A 234 11.42 16.27 5.67
CA LEU A 234 10.75 16.09 6.94
C LEU A 234 11.64 15.36 7.94
N TRP A 235 12.51 14.47 7.48
CA TRP A 235 13.25 13.56 8.35
C TRP A 235 14.61 14.10 8.76
N THR A 236 15.09 15.15 8.11
CA THR A 236 16.43 15.66 8.36
C THR A 236 16.42 17.18 8.64
N ARG B 1 2.77 11.45 9.25
CA ARG B 1 3.38 12.65 8.69
C ARG B 1 4.11 12.32 7.39
N SER B 2 4.77 11.16 7.34
CA SER B 2 5.56 10.80 6.18
C SER B 2 4.66 10.46 4.99
N HIS B 3 5.08 10.87 3.80
CA HIS B 3 4.33 10.63 2.59
C HIS B 3 4.58 9.21 2.11
N SEP B 4 3.52 8.51 1.69
CA SEP B 4 3.72 7.21 1.07
CB SEP B 4 2.99 6.11 1.87
OG SEP B 4 1.61 6.41 1.95
C SEP B 4 3.21 7.28 -0.36
O SEP B 4 2.68 8.30 -0.80
P SEP B 4 0.77 5.38 2.86
O1P SEP B 4 1.36 5.49 4.35
O2P SEP B 4 -0.75 5.92 2.81
O3P SEP B 4 0.85 3.88 2.31
HA SEP B 4 4.68 7.00 1.05
HB2 SEP B 4 3.36 6.06 2.76
HB3 SEP B 4 3.12 5.26 1.41
N SER B 5 3.35 6.16 -1.06
CA SER B 5 3.15 6.09 -2.49
C SER B 5 1.69 6.34 -2.83
N PRO B 6 1.41 6.96 -3.97
CA PRO B 6 0.05 6.86 -4.54
C PRO B 6 -0.32 5.40 -4.77
N ALA B 7 -1.63 5.13 -4.80
CA ALA B 7 -2.10 3.78 -5.07
C ALA B 7 -1.77 3.33 -6.49
N SER B 8 -1.91 4.24 -7.45
CA SER B 8 -1.76 3.90 -8.86
C SER B 8 -0.32 4.19 -9.31
N LEU B 9 0.31 3.19 -9.94
CA LEU B 9 1.72 3.29 -10.30
C LEU B 9 1.93 2.74 -11.71
N GLN B 10 2.84 3.40 -12.43
CA GLN B 10 3.10 3.19 -13.86
C GLN B 10 2.82 4.53 -14.54
C1 KM8 C . 0.76 -0.46 -16.90
C2 KM8 C . -0.41 0.56 -16.68
C3 KM8 C . -2.78 1.36 -17.29
C7 KM8 C . -4.11 2.76 -15.87
C8 KM8 C . -3.05 1.88 -16.04
C9 KM8 C . -4.41 3.30 -14.62
C10 KM8 C . -5.72 3.63 -14.23
C11 KM8 C . -5.84 4.17 -12.93
C12 KM8 C . -3.41 3.58 -13.67
C13 KM8 C . -7.15 4.63 -12.20
O KM8 C . -0.29 1.39 -15.82
C KM8 C . 1.46 -0.87 -15.83
N KM8 C . -1.66 0.43 -17.49
C6 KM8 C . -4.92 3.13 -16.99
C5 KM8 C . -4.66 2.61 -18.22
C4 KM8 C . -3.59 1.73 -18.39
S KM8 C . -4.23 4.27 -12.28
N2 KM8 C . -7.09 5.26 -10.87
N1 KM8 C . -8.26 4.44 -12.81
H1 KM8 C . 0.97 -0.77 -17.75
H3 KM8 C . -2.51 1.63 -15.31
H4 KM8 C . -6.45 3.48 -14.77
H5 KM8 C . -2.49 3.45 -13.76
H6 KM8 C . 1.25 -0.56 -14.99
H7 KM8 C . 2.16 -1.48 -15.94
H9 KM8 C . -1.73 -0.17 -18.09
H10 KM8 C . -5.63 3.71 -16.87
H11 KM8 C . -5.20 2.85 -18.95
H12 KM8 C . -3.41 1.37 -19.23
H13 KM8 C . -6.33 5.38 -10.49
H14 KM8 C . -9.03 4.68 -12.43
H192 KM8 C . -7.80 5.51 -10.47
#